data_2WO7
#
_entry.id   2WO7
#
_cell.length_a   41.484
_cell.length_b   75.935
_cell.length_c   101.016
_cell.angle_alpha   90.00
_cell.angle_beta   90.00
_cell.angle_gamma   90.00
#
_symmetry.space_group_name_H-M   'P 21 21 21'
#
loop_
_entity.id
_entity.type
_entity.pdbx_description
1 polymer 'ISOPENICILLIN N SYNTHASE'
2 non-polymer 'FE (II) ION'
3 non-polymer DELTA-(L-ALPHA-AMINOADIPOYL)-L-CYSTEINYL-D-VINYLGLYCINE
4 water water
#
_entity_poly.entity_id   1
_entity_poly.type   'polypeptide(L)'
_entity_poly.pdbx_seq_one_letter_code
;MGSVSKANVPKIDVSPLFGDDQAAKMRVAQQIDAASRDTGFFYAVNHGINVQRLSQKTKEFHMSITPEEKWDLAIRAYNK
EHQDQVRAGYYLSIPGKKAVESFCYLNPNFTPDHPRIQAKTPTHEVNVWPDETKHPGFQDFAEQYYWDVFGLSSALLKGY
ALALGKEENFFARHFKPDDTLASVVLIRYPYLDPYPEAAIKTAADGTKLSFEWHEDVSLITVLYQSNVQNLQVETAAGYQ
DIEADDTGYLINCGSYMAHLTNNYYKAPIHRVKWVNAERQSLPFFVNLGYDSVIDPFDPREPNGKSDREPLSYGDYLQNG
LVSLINKNGQT
;
_entity_poly.pdbx_strand_id   A
#
loop_
_chem_comp.id
_chem_comp.type
_chem_comp.name
_chem_comp.formula
ASV non-polymer DELTA-(L-ALPHA-AMINOADIPOYL)-L-CYSTEINYL-D-VINYLGLYCINE 'C13 H21 N3 O6 S'
FE2 non-polymer 'FE (II) ION' 'Fe 2'
#
# COMPACT_ATOMS: atom_id res chain seq x y z
N SER A 3 13.18 22.71 -14.91
CA SER A 3 12.14 22.32 -13.91
C SER A 3 11.92 20.80 -13.87
N VAL A 4 11.58 20.32 -12.69
CA VAL A 4 10.89 19.06 -12.54
C VAL A 4 9.42 19.25 -12.98
N SER A 5 8.92 18.42 -13.89
CA SER A 5 7.56 18.57 -14.37
C SER A 5 6.55 17.93 -13.43
N LYS A 6 5.27 18.11 -13.75
CA LYS A 6 4.16 17.63 -12.92
C LYS A 6 3.50 16.40 -13.56
N ALA A 7 3.38 15.30 -12.82
CA ALA A 7 2.67 14.11 -13.31
C ALA A 7 1.17 14.37 -13.51
N ASN A 8 0.61 13.85 -14.60
CA ASN A 8 -0.81 13.91 -14.81
C ASN A 8 -1.40 12.78 -13.98
N VAL A 9 -2.13 13.15 -12.90
CA VAL A 9 -2.77 12.16 -12.05
C VAL A 9 -4.25 12.45 -11.99
N PRO A 10 -5.05 11.77 -12.83
CA PRO A 10 -6.43 12.16 -12.94
C PRO A 10 -7.20 11.88 -11.68
N LYS A 11 -8.29 12.62 -11.47
CA LYS A 11 -9.21 12.27 -10.39
C LYS A 11 -10.37 11.44 -10.95
N ILE A 12 -10.53 10.22 -10.43
CA ILE A 12 -11.55 9.31 -10.94
C ILE A 12 -12.65 9.11 -9.89
N ASP A 13 -13.88 9.49 -10.22
CA ASP A 13 -15.03 9.22 -9.39
C ASP A 13 -15.33 7.73 -9.48
N VAL A 14 -15.06 6.99 -8.40
CA VAL A 14 -15.17 5.52 -8.36
C VAL A 14 -16.50 5.02 -7.78
N SER A 15 -17.40 5.94 -7.46
CA SER A 15 -18.63 5.57 -6.81
C SER A 15 -19.50 4.62 -7.65
N PRO A 16 -19.40 4.70 -8.99
CA PRO A 16 -20.32 3.75 -9.65
C PRO A 16 -19.91 2.28 -9.43
N LEU A 17 -18.67 2.05 -9.00
CA LEU A 17 -18.12 0.72 -8.75
C LEU A 17 -18.77 0.05 -7.54
N PHE A 18 -19.55 0.81 -6.77
CA PHE A 18 -20.28 0.23 -5.62
C PHE A 18 -21.71 -0.15 -5.99
N GLY A 19 -22.16 0.28 -7.18
CA GLY A 19 -23.55 0.13 -7.57
C GLY A 19 -23.78 -0.87 -8.67
N ASP A 20 -24.90 -0.72 -9.38
CA ASP A 20 -25.33 -1.69 -10.39
C ASP A 20 -25.62 -1.05 -11.72
N ASP A 21 -25.11 0.15 -11.93
CA ASP A 21 -25.16 0.73 -13.25
C ASP A 21 -23.92 0.23 -14.04
N GLN A 22 -24.14 -0.72 -14.93
CA GLN A 22 -23.03 -1.42 -15.56
C GLN A 22 -22.23 -0.55 -16.53
N ALA A 23 -22.91 0.29 -17.33
CA ALA A 23 -22.23 1.21 -18.25
C ALA A 23 -21.39 2.26 -17.52
N ALA A 24 -21.92 2.81 -16.45
CA ALA A 24 -21.18 3.75 -15.64
C ALA A 24 -19.90 3.11 -15.08
N LYS A 25 -19.97 1.82 -14.75
CA LYS A 25 -18.80 1.10 -14.25
C LYS A 25 -17.75 0.95 -15.35
N MET A 26 -18.21 0.68 -16.57
CA MET A 26 -17.32 0.66 -17.75
C MET A 26 -16.70 2.04 -17.96
N ARG A 27 -17.44 3.12 -17.72
CA ARG A 27 -16.82 4.46 -17.90
C ARG A 27 -15.78 4.79 -16.81
N VAL A 28 -15.92 4.19 -15.63
CA VAL A 28 -14.91 4.31 -14.58
C VAL A 28 -13.69 3.47 -15.00
N ALA A 29 -13.96 2.24 -15.45
CA ALA A 29 -12.94 1.34 -15.98
C ALA A 29 -12.04 1.98 -17.06
N GLN A 30 -12.64 2.67 -18.03
CA GLN A 30 -11.84 3.30 -19.08
C GLN A 30 -10.87 4.28 -18.50
N GLN A 31 -11.34 5.02 -17.49
CA GLN A 31 -10.51 6.01 -16.81
C GLN A 31 -9.32 5.36 -16.08
N ILE A 32 -9.61 4.25 -15.37
CA ILE A 32 -8.59 3.45 -14.71
C ILE A 32 -7.61 2.89 -15.75
N ASP A 33 -8.12 2.45 -16.90
CA ASP A 33 -7.28 2.00 -18.02
C ASP A 33 -6.35 3.10 -18.58
N ALA A 34 -6.88 4.28 -18.86
CA ALA A 34 -6.08 5.37 -19.37
C ALA A 34 -4.96 5.75 -18.38
N ALA A 35 -5.33 5.84 -17.09
CA ALA A 35 -4.38 6.18 -16.05
C ALA A 35 -3.32 5.09 -15.90
N SER A 36 -3.74 3.82 -15.98
CA SER A 36 -2.81 2.72 -15.78
C SER A 36 -1.78 2.63 -16.89
N ARG A 37 -2.12 3.14 -18.08
CA ARG A 37 -1.24 3.09 -19.24
C ARG A 37 -0.43 4.35 -19.40
N ASP A 38 -0.69 5.35 -18.57
CA ASP A 38 0.04 6.61 -18.66
C ASP A 38 1.09 6.62 -17.54
N THR A 39 0.95 7.49 -16.56
CA THR A 39 1.91 7.53 -15.47
C THR A 39 1.66 6.37 -14.53
N GLY A 40 0.43 5.85 -14.50
CA GLY A 40 0.12 4.68 -13.70
C GLY A 40 -0.46 5.02 -12.34
N PHE A 41 -0.72 6.30 -12.08
CA PHE A 41 -1.32 6.77 -10.81
C PHE A 41 -2.63 7.47 -11.10
N PHE A 42 -3.60 7.32 -10.19
CA PHE A 42 -4.80 8.16 -10.19
C PHE A 42 -5.29 8.34 -8.76
N TYR A 43 -6.09 9.38 -8.55
CA TYR A 43 -6.78 9.56 -7.31
C TYR A 43 -8.19 9.07 -7.42
N ALA A 44 -8.57 8.16 -6.52
CA ALA A 44 -9.94 7.70 -6.40
C ALA A 44 -10.66 8.74 -5.57
N VAL A 45 -11.70 9.34 -6.13
CA VAL A 45 -12.50 10.29 -5.37
C VAL A 45 -13.94 9.78 -5.24
N ASN A 46 -14.66 10.34 -4.27
CA ASN A 46 -16.00 9.90 -3.97
C ASN A 46 -16.02 8.43 -3.57
N HIS A 47 -15.13 8.10 -2.63
CA HIS A 47 -14.78 6.73 -2.24
C HIS A 47 -15.58 6.25 -1.01
N GLY A 48 -16.25 7.17 -0.32
CA GLY A 48 -17.11 6.82 0.80
C GLY A 48 -16.43 6.62 2.15
N ILE A 49 -15.11 6.67 2.20
CA ILE A 49 -14.41 6.50 3.49
C ILE A 49 -14.17 7.82 4.22
N ASN A 50 -14.46 7.84 5.52
CA ASN A 50 -14.18 9.03 6.32
C ASN A 50 -12.66 9.13 6.55
N VAL A 51 -11.98 9.93 5.74
CA VAL A 51 -10.51 10.06 5.83
C VAL A 51 -10.07 11.09 6.86
N GLN A 52 -10.99 11.94 7.29
CA GLN A 52 -10.67 12.85 8.35
C GLN A 52 -10.56 12.07 9.69
N ARG A 53 -11.49 11.13 9.93
CA ARG A 53 -11.45 10.28 11.14
C ARG A 53 -10.15 9.41 11.12
N LEU A 54 -9.82 8.86 9.94
CA LEU A 54 -8.58 8.12 9.71
C LEU A 54 -7.28 8.83 10.13
N SER A 55 -7.05 10.03 9.58
CA SER A 55 -5.83 10.76 9.90
C SER A 55 -5.86 11.24 11.39
N GLN A 56 -7.05 11.50 11.93
CA GLN A 56 -7.13 11.97 13.31
C GLN A 56 -6.70 10.85 14.26
N LYS A 57 -7.40 9.71 14.21
CA LYS A 57 -7.07 8.59 15.07
C LYS A 57 -5.61 8.18 14.89
N THR A 58 -5.05 8.40 13.68
CA THR A 58 -3.67 7.93 13.38
C THR A 58 -2.70 8.87 14.03
N LYS A 59 -3.09 10.14 14.06
CA LYS A 59 -2.30 11.22 14.70
C LYS A 59 -2.23 11.08 16.25
N GLU A 60 -3.39 10.84 16.89
CA GLU A 60 -3.46 10.56 18.33
C GLU A 60 -2.48 9.43 18.67
N PHE A 61 -2.57 8.33 17.92
CA PHE A 61 -1.73 7.14 18.17
C PHE A 61 -0.23 7.37 18.12
N HIS A 62 0.24 7.86 16.97
CA HIS A 62 1.65 8.13 16.78
C HIS A 62 2.19 9.15 17.79
N MET A 63 1.35 10.09 18.21
CA MET A 63 1.80 11.16 19.10
C MET A 63 1.82 10.77 20.57
N SER A 64 1.02 9.78 20.94
CA SER A 64 0.96 9.42 22.36
C SER A 64 1.69 8.12 22.71
N ILE A 65 2.10 7.33 21.72
CA ILE A 65 2.82 6.07 22.02
C ILE A 65 4.22 6.32 22.64
N THR A 66 4.54 5.58 23.69
CA THR A 66 5.81 5.76 24.40
C THR A 66 6.86 4.74 23.95
N PRO A 67 8.15 5.06 24.18
CA PRO A 67 9.26 4.13 23.90
C PRO A 67 9.07 2.76 24.50
N GLU A 68 8.50 2.68 25.70
CA GLU A 68 8.21 1.39 26.34
C GLU A 68 7.29 0.55 25.46
N GLU A 69 6.23 1.19 25.00
CA GLU A 69 5.21 0.52 24.23
C GLU A 69 5.73 0.15 22.85
N LYS A 70 6.65 0.96 22.34
CA LYS A 70 7.21 0.68 21.03
C LYS A 70 8.02 -0.60 21.11
N TRP A 71 8.82 -0.73 22.15
CA TRP A 71 9.54 -1.97 22.34
C TRP A 71 8.56 -3.14 22.49
N ASP A 72 7.48 -2.98 23.26
CA ASP A 72 6.50 -4.09 23.45
C ASP A 72 5.88 -4.59 22.15
N LEU A 73 5.73 -3.68 21.16
CA LEU A 73 5.04 -3.96 19.89
C LEU A 73 6.02 -4.12 18.71
N ALA A 74 7.31 -3.99 18.99
CA ALA A 74 8.36 -3.97 17.98
C ALA A 74 8.42 -5.23 17.15
N ILE A 75 8.57 -5.08 15.83
CA ILE A 75 8.87 -6.21 14.96
C ILE A 75 10.28 -6.79 15.30
N ARG A 76 10.57 -7.99 14.83
CA ARG A 76 11.85 -8.67 15.04
C ARG A 76 13.06 -7.82 14.67
N ALA A 77 12.93 -6.97 13.66
CA ALA A 77 14.02 -6.12 13.25
C ALA A 77 14.54 -5.25 14.40
N TYR A 78 13.68 -5.00 15.39
CA TYR A 78 14.00 -4.05 16.48
C TYR A 78 13.94 -4.72 17.85
N ASN A 79 13.36 -5.90 17.89
CA ASN A 79 13.25 -6.63 19.15
C ASN A 79 13.47 -8.13 18.94
N LYS A 80 14.68 -8.61 19.26
CA LYS A 80 14.99 -10.05 19.16
C LYS A 80 13.94 -11.01 19.80
N GLU A 81 13.21 -10.55 20.83
CA GLU A 81 12.26 -11.39 21.55
C GLU A 81 11.00 -11.71 20.72
N HIS A 82 10.76 -10.95 19.67
CA HIS A 82 9.55 -11.11 18.88
C HIS A 82 9.79 -11.80 17.54
N GLN A 83 10.29 -13.03 17.57
CA GLN A 83 10.63 -13.76 16.35
C GLN A 83 9.47 -13.99 15.37
N ASP A 84 8.23 -13.93 15.87
CA ASP A 84 7.08 -14.20 15.02
C ASP A 84 6.62 -12.96 14.28
N GLN A 85 7.02 -11.79 14.78
CA GLN A 85 6.64 -10.50 14.18
C GLN A 85 7.57 -10.07 13.03
N VAL A 86 7.31 -10.58 11.83
CA VAL A 86 8.11 -10.17 10.70
C VAL A 86 7.42 -8.96 10.09
N ARG A 87 6.10 -9.03 9.94
CA ARG A 87 5.35 -7.97 9.27
C ARG A 87 4.60 -7.04 10.21
N ALA A 88 3.85 -7.63 11.14
CA ALA A 88 2.97 -6.87 12.05
C ALA A 88 3.63 -6.38 13.34
N GLY A 89 3.49 -5.09 13.61
CA GLY A 89 4.07 -4.49 14.80
C GLY A 89 4.60 -3.10 14.52
N TYR A 90 5.37 -2.58 15.48
CA TYR A 90 5.95 -1.25 15.38
C TYR A 90 7.32 -1.24 14.68
N TYR A 91 7.51 -0.24 13.80
CA TYR A 91 8.77 0.01 13.11
C TYR A 91 9.34 1.30 13.70
N LEU A 92 10.41 1.18 14.49
CA LEU A 92 10.85 2.32 15.30
C LEU A 92 11.73 3.29 14.55
N SER A 93 11.60 4.56 14.90
CA SER A 93 12.54 5.52 14.36
C SER A 93 13.83 5.36 15.14
N ILE A 94 14.91 5.98 14.66
CA ILE A 94 16.18 5.99 15.39
C ILE A 94 16.64 7.45 15.47
N PRO A 95 16.40 8.13 16.61
CA PRO A 95 16.68 9.56 16.57
C PRO A 95 18.12 9.80 16.15
N GLY A 96 18.32 10.79 15.29
CA GLY A 96 19.65 11.14 14.84
C GLY A 96 20.02 10.39 13.60
N LYS A 97 19.22 9.38 13.24
CA LYS A 97 19.62 8.48 12.15
C LYS A 97 18.48 8.13 11.19
N LYS A 98 17.33 7.77 11.74
CA LYS A 98 16.19 7.33 10.95
C LYS A 98 14.96 8.11 11.45
N ALA A 99 14.29 8.78 10.52
CA ALA A 99 13.19 9.66 10.84
C ALA A 99 11.87 8.89 10.84
N VAL A 100 11.60 8.13 9.80
CA VAL A 100 10.31 7.49 9.66
C VAL A 100 10.01 6.40 10.74
N GLU A 101 8.77 6.35 11.21
CA GLU A 101 8.31 5.26 12.08
C GLU A 101 6.88 4.83 11.71
N SER A 102 6.52 3.58 12.00
CA SER A 102 5.24 3.10 11.55
C SER A 102 4.74 1.87 12.29
N PHE A 103 3.48 1.55 12.02
CA PHE A 103 2.81 0.44 12.67
C PHE A 103 2.02 -0.28 11.60
N CYS A 104 2.29 -1.57 11.46
CA CYS A 104 1.70 -2.38 10.42
C CYS A 104 0.82 -3.42 11.03
N TYR A 105 -0.36 -3.59 10.46
CA TYR A 105 -1.24 -4.65 10.90
C TYR A 105 -1.87 -5.37 9.73
N LEU A 106 -2.20 -6.63 9.98
CA LEU A 106 -2.69 -7.56 8.98
C LEU A 106 -4.19 -7.85 9.17
N ASN A 107 -4.74 -8.71 8.31
CA ASN A 107 -6.07 -9.26 8.45
C ASN A 107 -6.43 -9.52 9.94
N PRO A 108 -7.40 -8.81 10.50
CA PRO A 108 -7.88 -9.10 11.87
C PRO A 108 -8.43 -10.52 12.08
N ASN A 109 -8.80 -11.22 11.02
CA ASN A 109 -9.25 -12.59 11.17
C ASN A 109 -8.09 -13.56 11.46
N PHE A 110 -6.85 -13.13 11.24
CA PHE A 110 -5.75 -13.97 11.65
C PHE A 110 -5.70 -14.06 13.17
N THR A 111 -6.32 -15.09 13.75
CA THR A 111 -6.24 -15.36 15.20
C THR A 111 -5.61 -16.74 15.44
N PRO A 112 -5.19 -17.01 16.69
CA PRO A 112 -4.55 -18.29 17.01
C PRO A 112 -5.35 -19.49 16.55
N ASP A 113 -6.64 -19.35 16.31
CA ASP A 113 -7.34 -20.51 15.82
C ASP A 113 -7.71 -20.41 14.35
N HIS A 114 -7.07 -19.45 13.65
CA HIS A 114 -7.13 -19.38 12.19
C HIS A 114 -6.20 -20.44 11.58
N PRO A 115 -6.70 -21.22 10.62
CA PRO A 115 -5.94 -22.37 10.10
C PRO A 115 -4.52 -22.03 9.56
N ARG A 116 -4.34 -20.84 8.98
CA ARG A 116 -3.03 -20.47 8.49
C ARG A 116 -2.11 -20.15 9.66
N ILE A 117 -2.68 -19.61 10.74
CA ILE A 117 -1.90 -19.39 11.94
C ILE A 117 -1.60 -20.72 12.60
N GLN A 118 -2.58 -21.60 12.75
CA GLN A 118 -2.29 -22.92 13.32
C GLN A 118 -1.27 -23.70 12.48
N ALA A 119 -1.24 -23.51 11.17
CA ALA A 119 -0.27 -24.21 10.30
C ALA A 119 1.08 -23.49 10.18
N LYS A 120 1.20 -22.33 10.82
CA LYS A 120 2.44 -21.56 10.81
C LYS A 120 2.89 -21.20 9.40
N THR A 121 1.93 -20.78 8.55
CA THR A 121 2.25 -20.47 7.17
C THR A 121 2.98 -19.14 7.07
N PRO A 122 4.08 -19.10 6.34
CA PRO A 122 4.81 -17.84 6.13
C PRO A 122 3.89 -16.68 5.75
N THR A 123 4.21 -15.49 6.25
CA THR A 123 3.52 -14.19 5.99
C THR A 123 2.19 -13.99 6.74
N HIS A 124 1.72 -14.99 7.47
CA HIS A 124 0.50 -14.85 8.28
C HIS A 124 0.97 -14.64 9.68
N GLU A 125 0.43 -13.65 10.36
CA GLU A 125 0.80 -13.34 11.74
C GLU A 125 -0.44 -12.82 12.47
N VAL A 126 -0.49 -13.03 13.79
CA VAL A 126 -1.56 -12.47 14.59
C VAL A 126 -1.20 -11.03 14.94
N ASN A 127 -2.07 -10.08 14.64
CA ASN A 127 -1.77 -8.69 15.00
C ASN A 127 -1.45 -8.49 16.48
N VAL A 128 -0.56 -7.54 16.74
CA VAL A 128 -0.30 -7.09 18.09
C VAL A 128 -0.87 -5.69 18.24
N TRP A 129 -1.45 -5.41 19.41
CA TRP A 129 -2.07 -4.11 19.67
C TRP A 129 -1.54 -3.48 20.97
N PRO A 130 -1.65 -2.15 21.10
CA PRO A 130 -1.24 -1.53 22.35
C PRO A 130 -2.29 -1.77 23.45
N ASP A 131 -1.98 -1.37 24.67
CA ASP A 131 -2.93 -1.44 25.76
C ASP A 131 -4.16 -0.57 25.48
N GLU A 132 -5.34 -1.18 25.56
CA GLU A 132 -6.60 -0.50 25.33
C GLU A 132 -6.78 0.75 26.20
N THR A 133 -6.23 0.77 27.41
CA THR A 133 -6.50 1.90 28.30
C THR A 133 -5.61 3.07 27.97
N LYS A 134 -4.43 2.79 27.42
CA LYS A 134 -3.52 3.86 27.04
C LYS A 134 -3.89 4.41 25.67
N HIS A 135 -4.53 3.60 24.84
CA HIS A 135 -4.98 4.04 23.53
C HIS A 135 -6.42 3.57 23.32
N PRO A 136 -7.37 4.17 24.05
CA PRO A 136 -8.76 3.70 23.96
C PRO A 136 -9.35 3.80 22.56
N GLY A 137 -10.00 2.75 22.10
CA GLY A 137 -10.66 2.81 20.80
C GLY A 137 -9.76 2.69 19.58
N PHE A 138 -8.44 2.76 19.76
CA PHE A 138 -7.49 2.58 18.65
C PHE A 138 -7.60 1.23 17.93
N GLN A 139 -7.61 0.09 18.64
CA GLN A 139 -7.74 -1.21 17.95
C GLN A 139 -9.10 -1.37 17.19
N ASP A 140 -10.20 -0.84 17.77
CA ASP A 140 -11.50 -0.87 17.09
C ASP A 140 -11.41 0.00 15.84
N PHE A 141 -10.81 1.18 15.99
CA PHE A 141 -10.67 2.12 14.88
C PHE A 141 -9.91 1.49 13.73
N ALA A 142 -8.80 0.84 14.06
CA ALA A 142 -7.92 0.25 13.06
C ALA A 142 -8.51 -1.02 12.40
N GLU A 143 -9.14 -1.88 13.17
CA GLU A 143 -9.80 -3.02 12.55
C GLU A 143 -10.94 -2.57 11.64
N GLN A 144 -11.68 -1.54 12.03
CA GLN A 144 -12.77 -1.09 11.17
C GLN A 144 -12.18 -0.43 9.95
N TYR A 145 -11.13 0.35 10.12
CA TYR A 145 -10.47 0.91 8.95
C TYR A 145 -10.09 -0.18 7.96
N TYR A 146 -9.55 -1.30 8.47
CA TYR A 146 -9.09 -2.39 7.62
C TYR A 146 -10.24 -2.84 6.71
N TRP A 147 -11.44 -2.96 7.28
CA TRP A 147 -12.58 -3.47 6.52
C TRP A 147 -13.15 -2.40 5.58
N ASP A 148 -13.04 -1.14 5.97
CA ASP A 148 -13.46 -0.05 5.14
C ASP A 148 -12.64 0.04 3.88
N VAL A 149 -11.33 0.05 4.04
CA VAL A 149 -10.46 0.16 2.89
C VAL A 149 -10.46 -1.18 2.11
N PHE A 150 -10.80 -2.28 2.80
CA PHE A 150 -11.04 -3.57 2.13
C PHE A 150 -12.19 -3.47 1.15
N GLY A 151 -13.26 -2.83 1.58
CA GLY A 151 -14.43 -2.64 0.76
C GLY A 151 -14.13 -1.78 -0.46
N LEU A 152 -13.33 -0.73 -0.25
CA LEU A 152 -12.94 0.22 -1.30
C LEU A 152 -12.11 -0.45 -2.33
N SER A 153 -11.13 -1.22 -1.87
CA SER A 153 -10.23 -1.97 -2.73
C SER A 153 -10.93 -3.00 -3.58
N SER A 154 -11.93 -3.67 -3.01
CA SER A 154 -12.74 -4.64 -3.76
C SER A 154 -13.42 -3.95 -4.93
N ALA A 155 -13.97 -2.77 -4.66
CA ALA A 155 -14.62 -1.99 -5.70
C ALA A 155 -13.59 -1.60 -6.78
N LEU A 156 -12.45 -1.05 -6.35
CA LEU A 156 -11.38 -0.70 -7.31
C LEU A 156 -10.98 -1.90 -8.18
N LEU A 157 -10.85 -3.08 -7.57
CA LEU A 157 -10.51 -4.30 -8.32
C LEU A 157 -11.57 -4.72 -9.35
N LYS A 158 -12.84 -4.43 -9.09
CA LYS A 158 -13.85 -4.59 -10.10
C LYS A 158 -13.58 -3.65 -11.28
N GLY A 159 -13.18 -2.41 -10.98
CA GLY A 159 -12.74 -1.45 -12.01
C GLY A 159 -11.56 -1.92 -12.85
N TYR A 160 -10.52 -2.43 -12.20
CA TYR A 160 -9.37 -2.94 -12.94
C TYR A 160 -9.71 -4.15 -13.81
N ALA A 161 -10.62 -4.98 -13.33
CA ALA A 161 -10.96 -6.20 -14.03
C ALA A 161 -11.75 -5.83 -15.27
N LEU A 162 -12.68 -4.90 -15.15
CA LEU A 162 -13.43 -4.43 -16.32
C LEU A 162 -12.52 -3.73 -17.32
N ALA A 163 -11.54 -2.99 -16.78
CA ALA A 163 -10.60 -2.19 -17.58
C ALA A 163 -9.78 -3.08 -18.51
N LEU A 164 -9.56 -4.31 -18.08
CA LEU A 164 -8.71 -5.26 -18.80
C LEU A 164 -9.55 -6.22 -19.62
N GLY A 165 -10.84 -5.94 -19.69
CA GLY A 165 -11.77 -6.73 -20.46
C GLY A 165 -12.24 -8.01 -19.78
N LYS A 166 -12.15 -8.06 -18.45
CA LYS A 166 -12.52 -9.27 -17.73
C LYS A 166 -13.87 -9.07 -17.04
N GLU A 167 -14.47 -10.15 -16.53
CA GLU A 167 -15.68 -9.99 -15.74
C GLU A 167 -15.21 -9.35 -14.44
N GLU A 168 -16.11 -8.71 -13.72
CA GLU A 168 -15.72 -7.79 -12.65
C GLU A 168 -15.12 -8.47 -11.45
N ASN A 169 -15.35 -9.78 -11.33
CA ASN A 169 -14.83 -10.53 -10.18
C ASN A 169 -13.46 -11.17 -10.41
N PHE A 170 -12.86 -10.85 -11.55
CA PHE A 170 -11.62 -11.49 -11.96
C PHE A 170 -10.55 -11.42 -10.86
N PHE A 171 -10.32 -10.23 -10.32
CA PHE A 171 -9.38 -10.01 -9.19
C PHE A 171 -10.04 -10.21 -7.84
N ALA A 172 -11.25 -9.67 -7.72
CA ALA A 172 -11.93 -9.66 -6.45
C ALA A 172 -12.26 -11.07 -5.92
N ARG A 173 -12.54 -12.03 -6.80
CA ARG A 173 -12.80 -13.41 -6.33
C ARG A 173 -11.66 -13.97 -5.45
N HIS A 174 -10.46 -13.38 -5.56
CA HIS A 174 -9.27 -13.88 -4.82
C HIS A 174 -8.96 -13.04 -3.60
N PHE A 175 -9.77 -12.01 -3.38
CA PHE A 175 -9.55 -11.03 -2.33
C PHE A 175 -10.69 -11.20 -1.35
N LYS A 176 -10.41 -11.92 -0.28
CA LYS A 176 -11.44 -12.43 0.60
C LYS A 176 -11.10 -12.03 2.04
N PRO A 177 -12.12 -11.69 2.85
CA PRO A 177 -11.91 -11.37 4.27
C PRO A 177 -11.24 -12.49 5.08
N ASP A 178 -11.52 -13.75 4.75
CA ASP A 178 -10.94 -14.82 5.54
C ASP A 178 -9.44 -15.07 5.38
N ASP A 179 -8.83 -14.65 4.28
CA ASP A 179 -7.45 -15.06 4.01
C ASP A 179 -6.57 -14.02 3.37
N THR A 180 -7.10 -12.81 3.17
CA THR A 180 -6.32 -11.80 2.43
C THR A 180 -5.06 -11.46 3.19
N LEU A 181 -3.96 -11.38 2.46
CA LEU A 181 -2.68 -11.00 3.05
C LEU A 181 -2.44 -9.48 3.03
N ALA A 182 -3.50 -8.71 2.80
CA ALA A 182 -3.41 -7.27 2.73
C ALA A 182 -2.94 -6.68 4.06
N SER A 183 -2.17 -5.60 3.99
CA SER A 183 -1.69 -4.91 5.20
C SER A 183 -2.02 -3.44 5.16
N VAL A 184 -2.16 -2.85 6.34
CA VAL A 184 -2.24 -1.44 6.52
C VAL A 184 -0.96 -1.00 7.23
N VAL A 185 -0.37 0.10 6.79
CA VAL A 185 0.78 0.65 7.47
C VAL A 185 0.50 2.09 7.83
N LEU A 186 0.58 2.38 9.12
CA LEU A 186 0.37 3.76 9.61
C LEU A 186 1.72 4.45 9.78
N ILE A 187 2.10 5.24 8.78
CA ILE A 187 3.46 5.86 8.73
C ILE A 187 3.50 7.32 9.15
N ARG A 188 4.40 7.64 10.05
CA ARG A 188 4.66 9.00 10.46
C ARG A 188 6.00 9.48 9.88
N TYR A 189 5.95 10.58 9.10
CA TYR A 189 7.16 11.35 8.76
C TYR A 189 7.18 12.60 9.59
N PRO A 190 8.21 12.75 10.41
CA PRO A 190 8.23 13.86 11.37
C PRO A 190 8.89 15.11 10.82
N TYR A 191 8.56 16.24 11.45
CA TYR A 191 9.32 17.44 11.26
C TYR A 191 10.43 17.39 12.30
N LEU A 192 11.67 17.59 11.87
CA LEU A 192 12.81 17.53 12.78
C LEU A 192 13.75 18.71 12.49
N ASP A 193 14.23 19.37 13.54
CA ASP A 193 15.16 20.48 13.35
C ASP A 193 16.19 20.39 14.44
N PRO A 194 17.45 20.06 14.08
CA PRO A 194 17.92 19.77 12.69
C PRO A 194 17.52 18.39 12.21
N TYR A 195 17.45 18.22 10.91
CA TYR A 195 17.08 16.93 10.36
C TYR A 195 18.32 16.07 10.21
N PRO A 196 18.27 14.82 10.71
CA PRO A 196 19.34 13.81 10.63
C PRO A 196 19.78 13.48 9.19
N GLU A 197 21.06 13.70 8.88
CA GLU A 197 21.60 13.48 7.52
C GLU A 197 21.46 12.02 7.07
N ALA A 198 21.64 11.09 8.00
CA ALA A 198 21.55 9.69 7.67
C ALA A 198 20.16 9.31 7.21
N ALA A 199 19.18 10.17 7.52
CA ALA A 199 17.82 9.87 7.12
C ALA A 199 17.54 10.42 5.71
N ILE A 200 18.50 11.16 5.12
CA ILE A 200 18.33 11.71 3.77
C ILE A 200 19.28 11.07 2.74
N LYS A 201 18.71 10.64 1.62
CA LYS A 201 19.44 9.98 0.56
C LYS A 201 19.56 10.92 -0.64
N THR A 202 20.68 10.89 -1.36
CA THR A 202 20.79 11.70 -2.58
C THR A 202 20.68 10.86 -3.83
N ALA A 203 19.71 11.17 -4.68
CA ALA A 203 19.50 10.42 -5.91
C ALA A 203 20.55 10.77 -6.99
N ALA A 204 20.72 9.84 -7.93
CA ALA A 204 21.61 10.04 -9.06
C ALA A 204 21.38 11.44 -9.63
N ASP A 205 20.11 11.86 -9.65
CA ASP A 205 19.78 13.14 -10.26
C ASP A 205 19.93 14.33 -9.31
N GLY A 206 20.51 14.11 -8.12
CA GLY A 206 20.72 15.19 -7.16
C GLY A 206 19.59 15.40 -6.15
N THR A 207 18.42 14.85 -6.41
CA THR A 207 17.25 15.03 -5.56
C THR A 207 17.43 14.40 -4.17
N LYS A 208 17.07 15.13 -3.13
CA LYS A 208 17.12 14.59 -1.76
C LYS A 208 15.88 13.75 -1.46
N LEU A 209 16.09 12.53 -0.94
CA LEU A 209 15.00 11.55 -0.83
C LEU A 209 14.81 10.99 0.60
N SER A 210 13.57 10.67 0.95
CA SER A 210 13.31 9.90 2.16
C SER A 210 13.37 8.40 1.88
N PHE A 211 12.88 8.00 0.71
CA PHE A 211 12.85 6.59 0.30
C PHE A 211 13.15 6.49 -1.20
N GLU A 212 14.14 5.66 -1.55
CA GLU A 212 14.58 5.49 -2.94
C GLU A 212 13.55 4.84 -3.86
N TRP A 213 13.87 4.81 -5.16
CA TRP A 213 12.95 4.32 -6.20
C TRP A 213 12.59 2.86 -5.98
N HIS A 214 11.37 2.49 -6.32
CA HIS A 214 10.91 1.13 -6.17
C HIS A 214 9.62 0.93 -6.94
N GLU A 215 9.26 -0.34 -7.20
CA GLU A 215 7.92 -0.76 -7.59
C GLU A 215 7.26 -1.34 -6.34
N ASP A 216 5.95 -1.16 -6.16
CA ASP A 216 5.24 -1.72 -4.99
C ASP A 216 5.10 -3.25 -5.08
N VAL A 217 5.19 -3.92 -3.93
CA VAL A 217 4.83 -5.32 -3.83
C VAL A 217 3.35 -5.40 -3.42
N SER A 218 2.50 -5.70 -4.39
CA SER A 218 1.06 -5.62 -4.19
C SER A 218 0.40 -5.96 -5.50
N LEU A 219 -0.90 -6.19 -5.48
CA LEU A 219 -1.70 -6.20 -6.71
C LEU A 219 -1.92 -4.73 -7.08
N ILE A 220 -2.55 -3.99 -6.17
CA ILE A 220 -2.61 -2.51 -6.26
C ILE A 220 -2.30 -1.94 -4.88
N THR A 221 -2.06 -0.63 -4.83
CA THR A 221 -1.81 0.04 -3.56
C THR A 221 -2.81 1.16 -3.41
N VAL A 222 -3.41 1.27 -2.23
CA VAL A 222 -4.50 2.21 -1.99
C VAL A 222 -4.07 3.13 -0.84
N LEU A 223 -3.64 4.33 -1.20
CA LEU A 223 -2.87 5.18 -0.27
C LEU A 223 -3.52 6.48 0.12
N TYR A 224 -3.62 6.69 1.42
CA TYR A 224 -4.02 7.99 1.92
C TYR A 224 -2.77 8.72 2.45
N GLN A 225 -2.61 10.00 2.12
CA GLN A 225 -1.50 10.83 2.67
C GLN A 225 -2.01 12.20 2.98
N SER A 226 -1.44 12.81 4.01
CA SER A 226 -1.78 14.16 4.37
C SER A 226 -1.26 15.14 3.32
N ASN A 227 -1.54 16.42 3.49
CA ASN A 227 -1.31 17.35 2.39
C ASN A 227 0.08 17.95 2.36
N VAL A 228 1.07 17.10 2.10
CA VAL A 228 2.44 17.51 1.87
C VAL A 228 2.96 16.76 0.65
N GLN A 229 3.25 17.51 -0.42
CA GLN A 229 3.70 16.96 -1.69
C GLN A 229 5.07 16.31 -1.50
N ASN A 230 5.17 15.04 -1.87
CA ASN A 230 6.43 14.33 -1.65
C ASN A 230 6.75 13.26 -2.72
N LEU A 231 5.71 12.69 -3.33
CA LEU A 231 5.90 11.58 -4.23
C LEU A 231 6.37 12.01 -5.61
N GLN A 232 7.19 11.19 -6.25
CA GLN A 232 7.54 11.37 -7.65
C GLN A 232 7.43 10.03 -8.39
N VAL A 233 7.01 10.06 -9.65
CA VAL A 233 6.90 8.88 -10.49
C VAL A 233 7.91 9.03 -11.63
N GLU A 234 8.51 7.92 -12.01
CA GLU A 234 9.50 7.89 -13.06
C GLU A 234 8.85 7.75 -14.43
N THR A 235 9.27 8.62 -15.35
CA THR A 235 8.89 8.55 -16.75
C THR A 235 10.18 8.48 -17.59
N ALA A 236 10.03 8.23 -18.89
CA ALA A 236 11.17 8.28 -19.80
C ALA A 236 11.92 9.61 -19.73
N ALA A 237 11.21 10.68 -19.37
CA ALA A 237 11.76 12.02 -19.35
C ALA A 237 12.28 12.41 -17.98
N GLY A 238 12.32 11.45 -17.06
CA GLY A 238 12.78 11.70 -15.71
C GLY A 238 11.61 11.69 -14.76
N TYR A 239 11.87 12.02 -13.50
CA TYR A 239 10.84 12.01 -12.50
C TYR A 239 9.84 13.17 -12.54
N GLN A 240 8.58 12.87 -12.32
CA GLN A 240 7.58 13.91 -12.23
C GLN A 240 6.93 13.92 -10.87
N ASP A 241 6.64 15.13 -10.36
CA ASP A 241 6.01 15.32 -9.06
C ASP A 241 4.55 14.88 -9.11
N ILE A 242 4.12 14.14 -8.09
CA ILE A 242 2.73 13.77 -7.90
C ILE A 242 2.15 14.72 -6.85
N GLU A 243 1.09 15.44 -7.21
CA GLU A 243 0.50 16.41 -6.29
C GLU A 243 -0.32 15.74 -5.19
N ALA A 244 -0.32 16.34 -4.01
CA ALA A 244 -1.04 15.76 -2.89
C ALA A 244 -2.51 16.15 -2.95
N ASP A 245 -3.31 15.30 -2.34
CA ASP A 245 -4.73 15.49 -2.23
C ASP A 245 -5.14 14.72 -0.96
N ASP A 246 -5.38 15.43 0.14
CA ASP A 246 -5.72 14.75 1.37
C ASP A 246 -7.22 14.39 1.51
N THR A 247 -7.96 14.43 0.41
CA THR A 247 -9.36 14.02 0.45
C THR A 247 -9.53 12.72 -0.35
N GLY A 248 -8.55 12.38 -1.18
CA GLY A 248 -8.65 11.20 -2.05
C GLY A 248 -7.72 10.06 -1.72
N TYR A 249 -7.88 8.93 -2.41
CA TYR A 249 -6.93 7.83 -2.29
C TYR A 249 -6.10 7.77 -3.57
N LEU A 250 -4.79 7.79 -3.41
CA LEU A 250 -3.90 7.61 -4.51
C LEU A 250 -3.75 6.10 -4.79
N ILE A 251 -4.06 5.73 -6.02
CA ILE A 251 -4.04 4.36 -6.46
C ILE A 251 -2.92 4.12 -7.46
N ASN A 252 -2.24 2.98 -7.31
CA ASN A 252 -1.29 2.50 -8.32
C ASN A 252 -1.20 1.00 -8.33
N CYS A 253 -0.70 0.45 -9.43
CA CYS A 253 -0.48 -0.99 -9.52
C CYS A 253 0.82 -1.40 -8.84
N GLY A 254 0.88 -2.63 -8.33
CA GLY A 254 2.11 -3.21 -7.79
C GLY A 254 2.63 -4.25 -8.76
N SER A 255 3.79 -4.85 -8.48
CA SER A 255 4.45 -5.69 -9.46
C SER A 255 3.68 -6.98 -9.76
N TYR A 256 2.73 -7.38 -8.93
CA TYR A 256 1.94 -8.58 -9.26
C TYR A 256 0.99 -8.31 -10.43
N MET A 257 0.52 -7.07 -10.56
CA MET A 257 -0.37 -6.72 -11.66
C MET A 257 0.47 -6.68 -12.92
N ALA A 258 1.68 -6.12 -12.83
CA ALA A 258 2.57 -6.03 -13.97
C ALA A 258 2.83 -7.40 -14.48
N HIS A 259 3.11 -8.32 -13.55
CA HIS A 259 3.32 -9.71 -13.93
C HIS A 259 2.16 -10.32 -14.68
N LEU A 260 0.98 -10.37 -14.04
CA LEU A 260 -0.28 -10.89 -14.58
C LEU A 260 -0.61 -10.35 -15.98
N THR A 261 -0.37 -9.07 -16.21
CA THR A 261 -0.78 -8.46 -17.46
C THR A 261 0.33 -8.40 -18.50
N ASN A 262 1.44 -9.11 -18.26
CA ASN A 262 2.59 -9.01 -19.16
C ASN A 262 3.06 -7.55 -19.34
N ASN A 263 3.02 -6.81 -18.23
CA ASN A 263 3.54 -5.44 -18.17
C ASN A 263 2.69 -4.40 -18.91
N TYR A 264 1.52 -4.82 -19.35
CA TYR A 264 0.57 -3.91 -19.95
C TYR A 264 0.17 -2.81 -18.97
N TYR A 265 -0.18 -3.20 -17.75
CA TYR A 265 -0.27 -2.26 -16.65
C TYR A 265 1.01 -2.40 -15.83
N LYS A 266 1.96 -1.51 -16.10
CA LYS A 266 3.20 -1.45 -15.33
C LYS A 266 2.97 -1.21 -13.84
N ALA A 267 3.89 -1.68 -13.02
CA ALA A 267 3.97 -1.15 -11.67
C ALA A 267 4.87 0.10 -11.78
N PRO A 268 4.30 1.31 -11.63
CA PRO A 268 5.11 2.51 -11.82
C PRO A 268 6.21 2.63 -10.78
N ILE A 269 7.43 2.94 -11.23
CA ILE A 269 8.52 3.26 -10.32
C ILE A 269 8.30 4.65 -9.70
N HIS A 270 8.43 4.71 -8.38
CA HIS A 270 8.22 5.96 -7.70
C HIS A 270 9.14 6.06 -6.53
N ARG A 271 9.28 7.28 -5.99
CA ARG A 271 10.17 7.52 -4.87
C ARG A 271 9.62 8.62 -4.00
N VAL A 272 10.20 8.74 -2.80
CA VAL A 272 9.71 9.69 -1.81
C VAL A 272 10.73 10.80 -1.59
N LYS A 273 10.40 12.03 -1.97
CA LYS A 273 11.29 13.15 -1.76
C LYS A 273 11.38 13.43 -0.28
N TRP A 274 12.56 13.87 0.14
CA TRP A 274 12.72 14.41 1.48
C TRP A 274 12.03 15.76 1.54
N VAL A 275 11.12 15.90 2.51
CA VAL A 275 10.53 17.17 2.86
C VAL A 275 10.53 17.28 4.37
N ASN A 276 10.94 18.42 4.90
CA ASN A 276 10.97 18.57 6.33
C ASN A 276 9.65 19.10 6.90
N ALA A 277 8.71 18.17 7.07
CA ALA A 277 7.35 18.52 7.44
C ALA A 277 6.67 17.32 8.07
N GLU A 278 5.91 17.57 9.14
CA GLU A 278 5.11 16.55 9.78
C GLU A 278 4.03 16.09 8.79
N ARG A 279 3.93 14.78 8.56
CA ARG A 279 2.96 14.22 7.61
C ARG A 279 2.71 12.72 7.84
N GLN A 280 1.62 12.19 7.26
CA GLN A 280 1.19 10.80 7.45
C GLN A 280 1.06 10.15 6.10
N SER A 281 1.38 8.88 6.01
CA SER A 281 1.24 8.11 4.80
C SER A 281 0.67 6.78 5.25
N LEU A 282 -0.53 6.46 4.77
CA LEU A 282 -1.28 5.30 5.25
C LEU A 282 -1.65 4.43 4.03
N PRO A 283 -0.67 3.67 3.55
CA PRO A 283 -0.91 2.72 2.50
C PRO A 283 -1.67 1.47 2.96
N PHE A 284 -2.53 0.97 2.08
CA PHE A 284 -3.15 -0.36 2.17
C PHE A 284 -2.65 -1.15 0.94
N PHE A 285 -1.88 -2.18 1.21
CA PHE A 285 -1.36 -3.00 0.16
C PHE A 285 -2.36 -4.11 -0.17
N VAL A 286 -2.90 -4.05 -1.37
CA VAL A 286 -3.90 -5.01 -1.75
C VAL A 286 -3.19 -6.30 -2.17
N ASN A 287 -3.15 -7.25 -1.24
CA ASN A 287 -2.61 -8.59 -1.48
C ASN A 287 -3.72 -9.65 -1.49
N LEU A 288 -3.53 -10.73 -2.23
CA LEU A 288 -4.53 -11.81 -2.26
C LEU A 288 -4.30 -12.86 -1.16
N GLY A 289 -4.87 -14.05 -1.32
CA GLY A 289 -4.63 -15.16 -0.43
C GLY A 289 -3.29 -15.82 -0.72
N TYR A 290 -2.82 -16.62 0.23
CA TYR A 290 -1.51 -17.26 0.12
C TYR A 290 -1.42 -18.19 -1.09
N ASP A 291 -2.53 -18.84 -1.40
CA ASP A 291 -2.59 -19.76 -2.54
C ASP A 291 -3.22 -19.15 -3.78
N SER A 292 -3.49 -17.85 -3.77
CA SER A 292 -4.14 -17.26 -4.93
C SER A 292 -3.22 -17.32 -6.13
N VAL A 293 -3.73 -17.78 -7.26
CA VAL A 293 -2.99 -17.78 -8.49
C VAL A 293 -3.87 -17.15 -9.55
N ILE A 294 -3.38 -16.13 -10.25
CA ILE A 294 -4.06 -15.63 -11.46
C ILE A 294 -3.25 -15.97 -12.72
N ASP A 295 -3.92 -16.50 -13.74
CA ASP A 295 -3.22 -16.92 -14.95
C ASP A 295 -2.88 -15.68 -15.75
N PRO A 296 -1.57 -15.43 -15.99
CA PRO A 296 -1.13 -14.24 -16.74
C PRO A 296 -1.70 -14.24 -18.16
N PHE A 297 -1.89 -13.04 -18.70
CA PHE A 297 -2.51 -12.85 -20.01
C PHE A 297 -1.96 -11.58 -20.59
N ASP A 298 -2.14 -11.38 -21.90
CA ASP A 298 -1.57 -10.23 -22.58
C ASP A 298 -2.62 -9.52 -23.39
N PRO A 299 -3.08 -8.39 -22.87
CA PRO A 299 -4.11 -7.58 -23.53
C PRO A 299 -3.70 -7.07 -24.93
N ARG A 300 -2.44 -7.14 -25.29
CA ARG A 300 -2.01 -6.63 -26.60
C ARG A 300 -2.26 -7.63 -27.71
N GLU A 301 -2.34 -8.91 -27.33
CA GLU A 301 -2.42 -9.99 -28.30
C GLU A 301 -3.86 -10.32 -28.62
N PRO A 302 -4.18 -10.46 -29.92
CA PRO A 302 -5.56 -10.82 -30.21
C PRO A 302 -6.05 -12.03 -29.39
N ASN A 303 -5.19 -13.02 -29.17
CA ASN A 303 -5.62 -14.22 -28.44
C ASN A 303 -5.46 -14.10 -26.91
N GLY A 304 -4.93 -12.98 -26.46
CA GLY A 304 -4.75 -12.75 -25.04
C GLY A 304 -3.72 -13.65 -24.37
N LYS A 305 -3.08 -14.57 -25.12
CA LYS A 305 -2.17 -15.55 -24.51
C LYS A 305 -0.85 -14.96 -24.00
N SER A 306 -0.43 -15.42 -22.83
CA SER A 306 0.86 -15.06 -22.25
C SER A 306 1.70 -16.30 -22.02
N ASP A 307 3.01 -16.14 -22.14
CA ASP A 307 3.96 -17.22 -21.88
C ASP A 307 4.50 -17.23 -20.45
N ARG A 308 4.06 -16.25 -19.65
CA ARG A 308 4.49 -16.13 -18.26
C ARG A 308 3.87 -17.19 -17.34
N GLU A 309 4.65 -17.68 -16.39
CA GLU A 309 4.14 -18.66 -15.43
C GLU A 309 3.16 -18.02 -14.48
N PRO A 310 2.09 -18.75 -14.12
CA PRO A 310 1.27 -18.25 -13.04
C PRO A 310 2.16 -18.22 -11.80
N LEU A 311 1.91 -17.28 -10.91
CA LEU A 311 2.81 -17.08 -9.78
C LEU A 311 1.89 -17.08 -8.55
N SER A 312 2.24 -17.85 -7.53
CA SER A 312 1.37 -18.02 -6.40
C SER A 312 1.59 -16.80 -5.53
N TYR A 313 0.52 -16.26 -4.95
CA TYR A 313 0.65 -14.95 -4.26
C TYR A 313 1.55 -14.99 -3.01
N GLY A 314 1.41 -16.04 -2.22
CA GLY A 314 2.20 -16.18 -1.02
C GLY A 314 3.68 -16.15 -1.34
N ASP A 315 4.08 -16.88 -2.37
CA ASP A 315 5.47 -16.87 -2.82
C ASP A 315 5.93 -15.53 -3.35
N TYR A 316 5.06 -14.85 -4.09
CA TYR A 316 5.39 -13.56 -4.67
C TYR A 316 5.63 -12.55 -3.57
N LEU A 317 4.75 -12.59 -2.60
CA LEU A 317 4.80 -11.68 -1.47
C LEU A 317 6.08 -11.89 -0.64
N GLN A 318 6.36 -13.13 -0.28
CA GLN A 318 7.56 -13.47 0.46
C GLN A 318 8.82 -12.94 -0.23
N ASN A 319 9.01 -13.29 -1.50
CA ASN A 319 10.16 -12.79 -2.23
C ASN A 319 10.19 -11.26 -2.26
N GLY A 320 9.02 -10.66 -2.46
CA GLY A 320 8.95 -9.23 -2.70
C GLY A 320 9.34 -8.46 -1.46
N LEU A 321 8.84 -8.89 -0.31
CA LEU A 321 9.07 -8.13 0.88
C LEU A 321 10.56 -8.18 1.21
N VAL A 322 11.15 -9.37 1.02
CA VAL A 322 12.58 -9.54 1.22
C VAL A 322 13.43 -8.71 0.24
N SER A 323 13.10 -8.76 -1.04
CA SER A 323 13.81 -7.92 -2.00
C SER A 323 13.72 -6.42 -1.69
N LEU A 324 12.59 -5.96 -1.15
CA LEU A 324 12.41 -4.54 -0.89
C LEU A 324 13.33 -4.10 0.24
N ILE A 325 13.34 -4.87 1.32
CA ILE A 325 14.21 -4.54 2.45
C ILE A 325 15.69 -4.48 1.98
N ASN A 326 16.07 -5.38 1.08
CA ASN A 326 17.45 -5.44 0.61
C ASN A 326 17.91 -4.25 -0.23
N LYS A 327 17.02 -3.77 -1.10
CA LYS A 327 17.32 -2.67 -2.00
C LYS A 327 17.15 -1.32 -1.31
N ASN A 328 16.03 -1.11 -0.63
CA ASN A 328 15.78 0.19 0.01
C ASN A 328 15.99 0.29 1.54
N GLY A 329 16.43 -0.80 2.18
CA GLY A 329 16.72 -0.81 3.63
C GLY A 329 15.54 -1.17 4.52
N GLN A 330 15.85 -1.50 5.77
CA GLN A 330 14.83 -1.77 6.82
C GLN A 330 14.03 -0.52 7.21
N THR A 331 12.72 -0.52 6.92
CA THR A 331 11.89 0.67 7.21
C THR A 331 11.42 0.68 8.68
FE FE2 B . 5.53 2.58 -2.93
C1 ASV C . 3.69 -5.73 4.95
C2 ASV C . 4.26 -4.30 5.01
C3 ASV C . 4.95 -4.06 3.63
C4 ASV C . 5.74 -2.73 3.53
C7 ASV C . 6.42 -2.50 2.13
C10 ASV C . 7.25 -1.14 2.15
N11 ASV C . 6.97 -0.24 1.17
C12 ASV C . 7.57 1.11 1.00
C13 ASV C . 6.72 2.12 1.80
N14 ASV C . 5.18 -4.24 6.15
O15 ASV C . 8.11 -0.91 3.02
C16 ASV C . 7.39 1.51 -0.44
S17 ASV C . 5.62 1.31 -0.90
O18 ASV C . 6.29 1.76 2.92
O19 ASV C . 2.73 -5.90 4.16
O20 ASV C . 4.26 -6.61 5.63
N29 ASV C . 6.43 3.31 1.16
C30 ASV C . 5.54 4.42 1.71
C31 ASV C . 6.29 5.76 1.95
C32 ASV C . 4.31 4.78 0.81
C33 ASV C . 3.55 3.53 0.22
O42 ASV C . 7.54 5.71 2.10
O43 ASV C . 5.57 6.80 2.04
#